data_7ZS6
#
_entry.id   7ZS6
#
_cell.length_a   109.499
_cell.length_b   109.499
_cell.length_c   141.092
_cell.angle_alpha   90.000
_cell.angle_beta   90.000
_cell.angle_gamma   90.000
#
_symmetry.space_group_name_H-M   'I 41 2 2'
#
loop_
_entity.id
_entity.type
_entity.pdbx_description
1 polymer 'Reactive intermediate deaminase A'
2 non-polymer 1,2-ETHANEDIOL
3 non-polymer 'MAGNESIUM ION'
4 non-polymer 'SODIUM ION'
5 water water
#
_entity_poly.entity_id   1
_entity_poly.type   'polypeptide(L)'
_entity_poly.pdbx_seq_one_letter_code
;GSHMASQKTIRKIISSPLCPKPVGPYNQAILVNHTLYLSGILGIDVKTEKLVNGGAVAETRQALLNMGHILKEAGSNYNK
VIKTTIFLQDINDFTDVNEVYKEFFKENYPARSTFQVGKLPMAAQLEIEAIAITGEVETI
;
_entity_poly.pdbx_strand_id   AAA,BBB,CCC
#
loop_
_chem_comp.id
_chem_comp.type
_chem_comp.name
_chem_comp.formula
EDO non-polymer 1,2-ETHANEDIOL 'C2 H6 O2'
MG non-polymer 'MAGNESIUM ION' 'Mg 2'
NA non-polymer 'SODIUM ION' 'Na 1'
#
# COMPACT_ATOMS: atom_id res chain seq x y z
N LYS A 8 -22.84 -10.85 -4.75
CA LYS A 8 -22.53 -9.51 -4.21
C LYS A 8 -21.33 -9.54 -3.26
N THR A 9 -20.80 -8.37 -3.00
CA THR A 9 -19.72 -8.18 -2.03
C THR A 9 -20.31 -7.50 -0.80
N ILE A 10 -20.09 -8.06 0.37
CA ILE A 10 -20.52 -7.45 1.67
C ILE A 10 -19.41 -6.48 2.12
N ARG A 11 -19.78 -5.22 2.24
CA ARG A 11 -18.96 -4.14 2.81
C ARG A 11 -19.50 -3.73 4.20
N LYS A 12 -18.63 -3.59 5.17
CA LYS A 12 -19.00 -3.06 6.50
CA LYS A 12 -19.01 -3.04 6.49
C LYS A 12 -18.08 -1.87 6.82
N ILE A 13 -18.65 -0.78 7.22
CA ILE A 13 -17.91 0.37 7.81
CA ILE A 13 -17.87 0.35 7.80
C ILE A 13 -17.55 -0.02 9.24
N ILE A 14 -16.27 0.06 9.59
CA ILE A 14 -15.78 -0.27 10.93
C ILE A 14 -15.45 1.03 11.65
N SER A 15 -15.94 1.14 12.87
CA SER A 15 -15.81 2.32 13.74
CA SER A 15 -15.65 2.31 13.73
C SER A 15 -15.61 1.83 15.17
N SER A 16 -14.59 2.25 15.85
CA SER A 16 -14.40 2.08 17.29
C SER A 16 -14.27 3.46 17.92
N PRO A 17 -15.01 3.73 19.01
CA PRO A 17 -14.76 4.94 19.79
C PRO A 17 -13.47 5.00 20.62
N LEU A 18 -12.81 3.86 20.74
CA LEU A 18 -11.50 3.78 21.43
C LEU A 18 -10.32 4.11 20.53
N CYS A 19 -10.55 4.27 19.22
CA CYS A 19 -9.44 4.61 18.27
CA CYS A 19 -9.48 4.62 18.24
C CYS A 19 -9.73 6.05 17.82
N PRO A 20 -8.67 6.87 17.59
CA PRO A 20 -8.88 8.25 17.23
C PRO A 20 -9.80 8.31 16.01
N LYS A 21 -10.79 9.17 16.13
CA LYS A 21 -11.78 9.36 15.05
C LYS A 21 -11.18 10.18 13.93
N PRO A 22 -11.65 9.85 12.71
CA PRO A 22 -11.26 10.58 11.50
C PRO A 22 -11.47 12.11 11.49
N VAL A 23 -10.40 12.86 11.09
CA VAL A 23 -10.39 14.36 10.96
CA VAL A 23 -10.37 14.36 10.97
C VAL A 23 -10.33 14.70 9.47
N GLY A 24 -11.20 14.06 8.71
CA GLY A 24 -11.43 14.24 7.27
C GLY A 24 -12.46 13.20 6.77
N PRO A 25 -12.81 13.19 5.46
CA PRO A 25 -13.83 12.33 4.81
C PRO A 25 -13.34 10.88 4.56
N TYR A 26 -13.16 10.14 5.65
CA TYR A 26 -12.60 8.78 5.65
C TYR A 26 -13.19 8.02 6.83
N ASN A 27 -13.13 6.71 6.72
CA ASN A 27 -13.47 5.77 7.79
C ASN A 27 -12.24 5.16 8.39
N GLN A 28 -12.31 4.75 9.65
CA GLN A 28 -11.18 4.06 10.33
CA GLN A 28 -11.16 4.08 10.32
C GLN A 28 -10.78 2.80 9.57
N ALA A 29 -11.76 1.99 9.13
CA ALA A 29 -11.49 0.77 8.36
C ALA A 29 -12.73 0.43 7.56
N ILE A 30 -12.52 -0.31 6.53
CA ILE A 30 -13.56 -0.90 5.65
C ILE A 30 -13.32 -2.39 5.54
N LEU A 31 -14.35 -3.15 5.84
CA LEU A 31 -14.33 -4.62 5.75
C LEU A 31 -15.01 -4.99 4.44
N VAL A 32 -14.34 -5.76 3.63
CA VAL A 32 -14.83 -6.30 2.33
CA VAL A 32 -14.91 -6.30 2.38
C VAL A 32 -14.77 -7.82 2.42
N ASN A 33 -15.93 -8.49 2.53
CA ASN A 33 -15.98 -9.93 2.83
C ASN A 33 -15.17 -10.15 4.10
N HIS A 34 -14.01 -10.83 4.02
CA HIS A 34 -13.19 -11.12 5.20
C HIS A 34 -11.88 -10.31 5.19
N THR A 35 -11.71 -9.31 4.34
CA THR A 35 -10.47 -8.52 4.28
C THR A 35 -10.74 -7.11 4.81
N LEU A 36 -10.03 -6.75 5.85
CA LEU A 36 -10.20 -5.49 6.55
C LEU A 36 -9.08 -4.53 6.12
N TYR A 37 -9.45 -3.38 5.58
CA TYR A 37 -8.52 -2.35 5.12
C TYR A 37 -8.55 -1.27 6.18
N LEU A 38 -7.41 -1.12 6.90
CA LEU A 38 -7.34 -0.09 7.96
C LEU A 38 -6.72 1.19 7.40
N SER A 39 -7.27 2.31 7.75
CA SER A 39 -6.62 3.62 7.55
C SER A 39 -5.34 3.68 8.37
N GLY A 40 -4.42 4.52 7.92
CA GLY A 40 -3.24 4.78 8.72
C GLY A 40 -3.57 5.31 10.09
N ILE A 41 -2.87 4.82 11.07
CA ILE A 41 -3.08 5.09 12.50
C ILE A 41 -1.87 5.80 13.05
N LEU A 42 -2.12 6.87 13.78
CA LEU A 42 -1.14 7.63 14.52
C LEU A 42 -1.23 7.29 16.01
N GLY A 43 -0.21 7.59 16.77
CA GLY A 43 -0.17 7.38 18.22
C GLY A 43 -0.96 8.41 19.02
N ILE A 44 -2.16 8.69 18.63
CA ILE A 44 -3.07 9.65 19.30
C ILE A 44 -3.75 8.98 20.48
N ASP A 45 -3.81 9.69 21.61
CA ASP A 45 -4.63 9.25 22.75
C ASP A 45 -6.03 9.86 22.56
N VAL A 46 -7.03 9.04 22.40
CA VAL A 46 -8.41 9.56 22.24
CA VAL A 46 -8.47 9.45 22.28
C VAL A 46 -8.83 10.39 23.46
N LYS A 47 -8.23 10.25 24.60
CA LYS A 47 -8.57 11.06 25.76
C LYS A 47 -8.10 12.49 25.63
N THR A 48 -7.12 12.77 24.76
CA THR A 48 -6.51 14.09 24.67
C THR A 48 -6.65 14.69 23.28
N GLU A 49 -6.90 13.86 22.25
CA GLU A 49 -6.89 14.30 20.83
CA GLU A 49 -6.91 14.29 20.83
C GLU A 49 -5.48 14.71 20.40
N LYS A 50 -4.48 14.35 21.19
CA LYS A 50 -3.08 14.65 20.87
C LYS A 50 -2.27 13.36 20.78
N LEU A 51 -1.14 13.44 20.08
CA LEU A 51 -0.14 12.36 20.18
C LEU A 51 0.31 12.14 21.62
N VAL A 52 0.52 10.92 22.02
CA VAL A 52 1.21 10.60 23.29
CA VAL A 52 1.20 10.61 23.31
C VAL A 52 2.57 11.30 23.31
N ASN A 53 3.01 11.70 24.47
CA ASN A 53 4.36 12.30 24.56
CA ASN A 53 4.36 12.30 24.60
C ASN A 53 5.42 11.19 24.47
N GLY A 54 6.63 11.54 24.05
CA GLY A 54 7.83 10.68 24.17
C GLY A 54 8.42 10.26 22.82
N GLY A 55 7.83 10.63 21.69
CA GLY A 55 8.40 10.39 20.36
C GLY A 55 8.08 9.01 19.84
N ALA A 56 8.95 8.52 18.98
CA ALA A 56 8.64 7.33 18.18
C ALA A 56 8.25 6.11 18.99
N VAL A 57 8.93 5.75 20.04
CA VAL A 57 8.61 4.51 20.78
C VAL A 57 7.21 4.60 21.36
N ALA A 58 6.93 5.70 22.06
CA ALA A 58 5.59 5.92 22.67
C ALA A 58 4.53 5.95 21.60
N GLU A 59 4.79 6.61 20.52
CA GLU A 59 3.78 6.75 19.47
C GLU A 59 3.50 5.39 18.84
N THR A 60 4.52 4.56 18.64
CA THR A 60 4.32 3.24 18.02
CA THR A 60 4.36 3.24 18.07
C THR A 60 3.42 2.41 18.93
N ARG A 61 3.73 2.46 20.21
CA ARG A 61 2.93 1.64 21.17
C ARG A 61 1.47 2.11 21.15
N GLN A 62 1.25 3.40 21.15
CA GLN A 62 -0.13 3.90 21.15
C GLN A 62 -0.84 3.61 19.84
N ALA A 63 -0.13 3.73 18.71
CA ALA A 63 -0.71 3.40 17.40
C ALA A 63 -1.14 1.94 17.39
N LEU A 64 -0.29 1.04 17.89
CA LEU A 64 -0.61 -0.38 17.86
C LEU A 64 -1.74 -0.68 18.86
N LEU A 65 -1.82 -0.02 20.01
N LEU A 65 -1.76 0.01 19.98
CA LEU A 65 -3.00 -0.19 20.88
CA LEU A 65 -2.86 -0.09 20.96
C LEU A 65 -4.25 0.28 20.14
C LEU A 65 -4.17 0.35 20.30
N ASN A 66 -4.15 1.42 19.50
CA ASN A 66 -5.30 1.93 18.73
C ASN A 66 -5.74 0.91 17.70
N MET A 67 -4.76 0.32 17.00
CA MET A 67 -5.05 -0.66 15.97
C MET A 67 -5.82 -1.86 16.58
N GLY A 68 -5.46 -2.27 17.76
CA GLY A 68 -6.13 -3.40 18.42
C GLY A 68 -7.60 -3.12 18.57
N HIS A 69 -7.99 -1.89 18.90
CA HIS A 69 -9.43 -1.58 19.02
C HIS A 69 -10.17 -1.78 17.73
N ILE A 70 -9.55 -1.35 16.63
N ILE A 70 -9.57 -1.35 16.62
CA ILE A 70 -10.17 -1.51 15.29
CA ILE A 70 -10.20 -1.50 15.27
C ILE A 70 -10.25 -3.00 14.95
C ILE A 70 -10.24 -2.99 14.91
N LEU A 71 -9.15 -3.73 15.12
CA LEU A 71 -9.14 -5.16 14.79
C LEU A 71 -10.24 -5.87 15.58
N LYS A 72 -10.34 -5.58 16.88
CA LYS A 72 -11.32 -6.31 17.72
C LYS A 72 -12.74 -5.94 17.26
N GLU A 73 -12.98 -4.68 16.97
CA GLU A 73 -14.31 -4.22 16.50
C GLU A 73 -14.75 -4.99 15.26
N ALA A 74 -13.81 -5.30 14.36
CA ALA A 74 -14.10 -5.94 13.06
C ALA A 74 -14.14 -7.47 13.20
N GLY A 75 -13.71 -8.06 14.32
CA GLY A 75 -13.58 -9.53 14.45
C GLY A 75 -12.27 -10.04 13.94
N SER A 76 -11.22 -9.22 14.01
CA SER A 76 -9.83 -9.64 13.72
C SER A 76 -9.01 -9.51 14.99
N ASN A 77 -7.70 -9.65 14.82
CA ASN A 77 -6.73 -9.65 15.93
CA ASN A 77 -6.73 -9.48 15.92
C ASN A 77 -5.35 -9.39 15.31
N TYR A 78 -4.40 -9.09 16.14
CA TYR A 78 -3.02 -8.89 15.68
C TYR A 78 -2.53 -10.12 14.90
N ASN A 79 -2.90 -11.34 15.35
CA ASN A 79 -2.54 -12.65 14.74
CA ASN A 79 -2.37 -12.54 14.65
C ASN A 79 -3.12 -12.82 13.35
N LYS A 80 -4.06 -11.95 12.94
CA LYS A 80 -4.77 -12.05 11.66
C LYS A 80 -4.40 -10.84 10.78
N VAL A 81 -3.41 -10.05 11.18
CA VAL A 81 -2.89 -8.99 10.30
C VAL A 81 -2.01 -9.62 9.22
N ILE A 82 -2.25 -9.23 7.99
CA ILE A 82 -1.67 -9.76 6.72
CA ILE A 82 -1.46 -9.88 6.92
C ILE A 82 -0.46 -8.94 6.31
N LYS A 83 -0.61 -7.62 6.37
CA LYS A 83 0.40 -6.70 5.82
CA LYS A 83 0.38 -6.68 5.78
C LYS A 83 0.33 -5.40 6.60
N THR A 84 1.49 -4.87 6.97
CA THR A 84 1.58 -3.52 7.53
C THR A 84 2.51 -2.68 6.67
N THR A 85 2.31 -1.37 6.68
CA THR A 85 3.24 -0.38 6.15
C THR A 85 3.54 0.60 7.25
N ILE A 86 4.81 0.76 7.57
CA ILE A 86 5.26 1.67 8.62
C ILE A 86 5.86 2.90 7.94
N PHE A 87 5.26 4.05 8.18
CA PHE A 87 5.72 5.35 7.68
C PHE A 87 6.41 6.04 8.82
N LEU A 88 7.66 6.36 8.64
CA LEU A 88 8.51 6.95 9.66
C LEU A 88 8.89 8.37 9.30
N GLN A 89 8.93 9.22 10.32
CA GLN A 89 9.55 10.56 10.19
CA GLN A 89 9.55 10.53 10.08
C GLN A 89 11.08 10.43 10.06
N ASP A 90 11.64 9.44 10.74
CA ASP A 90 13.12 9.29 10.78
C ASP A 90 13.39 7.80 10.67
N ILE A 91 14.07 7.40 9.59
CA ILE A 91 14.44 5.98 9.38
CA ILE A 91 14.42 5.95 9.39
C ILE A 91 15.27 5.46 10.57
N ASN A 92 16.00 6.34 11.25
CA ASN A 92 16.85 5.87 12.36
C ASN A 92 16.03 5.40 13.55
N ASP A 93 14.72 5.62 13.57
CA ASP A 93 13.85 5.06 14.61
C ASP A 93 13.46 3.63 14.31
N PHE A 94 13.83 3.08 13.15
CA PHE A 94 13.30 1.76 12.76
C PHE A 94 13.57 0.68 13.79
N THR A 95 14.78 0.57 14.33
CA THR A 95 15.07 -0.52 15.30
CA THR A 95 14.99 -0.58 15.25
C THR A 95 14.16 -0.38 16.55
N ASP A 96 14.00 0.83 17.05
CA ASP A 96 13.14 1.07 18.22
C ASP A 96 11.66 0.73 17.94
N VAL A 97 11.20 1.17 16.77
CA VAL A 97 9.83 0.91 16.34
C VAL A 97 9.62 -0.58 16.25
N ASN A 98 10.59 -1.30 15.67
CA ASN A 98 10.55 -2.74 15.57
CA ASN A 98 10.52 -2.78 15.56
C ASN A 98 10.42 -3.44 16.94
N GLU A 99 11.16 -2.94 17.93
CA GLU A 99 11.06 -3.56 19.27
C GLU A 99 9.63 -3.42 19.82
N VAL A 100 9.01 -2.26 19.63
CA VAL A 100 7.62 -2.10 20.07
C VAL A 100 6.69 -3.02 19.28
N TYR A 101 6.91 -3.09 17.97
CA TYR A 101 6.11 -3.90 17.08
C TYR A 101 6.05 -5.32 17.62
N LYS A 102 7.19 -5.84 18.11
CA LYS A 102 7.25 -7.23 18.65
C LYS A 102 6.48 -7.41 19.95
N GLU A 103 6.02 -6.35 20.60
CA GLU A 103 5.11 -6.48 21.77
C GLU A 103 3.73 -6.92 21.32
N PHE A 104 3.41 -6.66 20.07
CA PHE A 104 2.07 -6.88 19.50
C PHE A 104 1.98 -8.05 18.57
N PHE A 105 2.98 -8.19 17.70
CA PHE A 105 3.00 -9.25 16.68
C PHE A 105 4.00 -10.29 17.17
N LYS A 106 3.49 -11.49 17.42
CA LYS A 106 4.21 -12.60 18.11
C LYS A 106 4.41 -13.84 17.24
N GLU A 107 3.53 -14.02 16.28
CA GLU A 107 3.51 -15.22 15.43
CA GLU A 107 3.45 -15.26 15.46
C GLU A 107 2.91 -14.90 14.07
N ASN A 108 3.18 -15.73 13.06
CA ASN A 108 2.50 -15.61 11.75
C ASN A 108 2.64 -14.16 11.32
N TYR A 109 3.87 -13.63 11.38
CA TYR A 109 4.07 -12.19 11.28
C TYR A 109 3.56 -11.68 9.94
N PRO A 110 3.00 -10.45 9.93
CA PRO A 110 2.61 -9.84 8.66
C PRO A 110 3.75 -9.64 7.68
N ALA A 111 3.38 -9.55 6.43
CA ALA A 111 4.28 -8.90 5.46
C ALA A 111 4.48 -7.44 5.88
N ARG A 112 5.50 -6.77 5.44
CA ARG A 112 5.77 -5.43 5.96
C ARG A 112 6.57 -4.64 4.93
N SER A 113 6.33 -3.33 4.87
CA SER A 113 7.22 -2.38 4.22
C SER A 113 7.39 -1.19 5.14
N THR A 114 8.56 -0.59 5.10
CA THR A 114 8.91 0.51 5.97
C THR A 114 9.72 1.53 5.21
N PHE A 115 9.42 2.80 5.39
CA PHE A 115 10.26 3.86 4.80
C PHE A 115 10.04 5.16 5.55
N GLN A 116 10.96 6.09 5.35
CA GLN A 116 10.85 7.45 5.86
C GLN A 116 10.16 8.32 4.85
N VAL A 117 9.15 9.04 5.33
CA VAL A 117 8.35 10.00 4.53
C VAL A 117 8.92 11.38 4.66
N GLY A 118 8.37 12.30 3.92
CA GLY A 118 8.67 13.73 4.09
C GLY A 118 8.11 14.31 5.35
N LYS A 119 6.81 14.07 5.58
CA LYS A 119 6.12 14.55 6.77
C LYS A 119 4.86 13.72 6.95
N LEU A 120 4.46 13.57 8.20
CA LEU A 120 3.20 12.90 8.59
C LEU A 120 2.22 13.95 9.09
N PRO A 121 0.94 13.61 9.05
CA PRO A 121 -0.03 14.44 9.76
C PRO A 121 0.36 14.59 11.22
N MET A 122 0.00 15.74 11.78
CA MET A 122 0.20 16.05 13.22
CA MET A 122 0.18 16.04 13.23
C MET A 122 1.68 16.09 13.59
N ALA A 123 2.53 16.29 12.60
CA ALA A 123 3.99 16.23 12.87
C ALA A 123 4.36 14.96 13.67
N ALA A 124 3.67 13.88 13.35
CA ALA A 124 3.92 12.59 14.03
C ALA A 124 5.27 11.98 13.62
N GLN A 125 5.72 11.07 14.46
CA GLN A 125 6.92 10.33 14.14
C GLN A 125 6.66 9.01 13.44
N LEU A 126 5.46 8.49 13.52
CA LEU A 126 5.11 7.13 13.10
C LEU A 126 3.66 7.15 12.61
N GLU A 127 3.37 6.45 11.54
CA GLU A 127 2.02 6.12 11.14
C GLU A 127 2.07 4.70 10.61
N ILE A 128 1.09 3.87 10.98
N ILE A 128 1.01 3.95 10.85
CA ILE A 128 1.05 2.46 10.52
CA ILE A 128 0.98 2.53 10.44
C ILE A 128 -0.28 2.18 9.82
C ILE A 128 -0.34 2.22 9.78
N GLU A 129 -0.24 1.65 8.60
CA GLU A 129 -1.47 1.16 7.95
CA GLU A 129 -1.37 1.18 7.81
C GLU A 129 -1.39 -0.35 7.84
N ALA A 130 -2.52 -0.99 7.81
CA ALA A 130 -2.55 -2.45 7.81
C ALA A 130 -3.71 -2.98 7.02
N ILE A 131 -3.57 -4.24 6.65
CA ILE A 131 -4.62 -5.10 6.07
CA ILE A 131 -4.67 -5.06 6.11
C ILE A 131 -4.69 -6.34 6.95
N ALA A 132 -5.91 -6.77 7.27
CA ALA A 132 -6.07 -7.92 8.20
C ALA A 132 -7.23 -8.78 7.66
N ILE A 133 -7.38 -9.92 8.28
CA ILE A 133 -8.47 -10.89 7.94
C ILE A 133 -9.41 -11.01 9.14
N THR A 134 -10.71 -11.10 8.85
CA THR A 134 -11.71 -11.36 9.90
C THR A 134 -12.16 -12.81 9.80
N GLY A 135 -12.80 -13.27 10.87
CA GLY A 135 -13.38 -14.62 10.89
C GLY A 135 -12.33 -15.71 11.01
N GLU A 136 -12.68 -16.92 10.62
CA GLU A 136 -11.80 -18.08 10.89
C GLU A 136 -10.68 -18.09 9.85
N VAL A 137 -9.48 -18.32 10.37
CA VAL A 137 -8.26 -18.40 9.53
C VAL A 137 -7.57 -19.71 9.82
N GLU A 138 -7.34 -20.50 8.77
CA GLU A 138 -6.50 -21.73 8.84
C GLU A 138 -5.14 -21.37 8.26
N THR A 139 -4.09 -21.46 9.09
CA THR A 139 -2.73 -21.13 8.65
C THR A 139 -1.93 -22.39 8.33
N ILE A 140 -1.35 -22.43 7.14
CA ILE A 140 -0.32 -23.42 6.66
C ILE A 140 0.97 -22.68 6.20
N LYS B 8 -14.00 -20.38 6.00
CA LYS B 8 -12.65 -20.00 6.56
C LYS B 8 -11.73 -19.44 5.45
N THR B 9 -10.80 -18.59 5.85
CA THR B 9 -9.75 -18.06 4.95
C THR B 9 -8.50 -18.94 5.13
N ILE B 10 -7.83 -19.28 4.02
CA ILE B 10 -6.58 -20.05 4.08
CA ILE B 10 -6.58 -20.05 4.06
C ILE B 10 -5.42 -19.05 3.99
N ARG B 11 -4.63 -18.98 5.05
CA ARG B 11 -3.41 -18.17 5.03
C ARG B 11 -2.24 -19.11 4.90
N LYS B 12 -1.31 -18.76 4.03
CA LYS B 12 -0.02 -19.47 4.03
CA LYS B 12 -0.01 -19.47 3.96
C LYS B 12 1.13 -18.47 4.18
N ILE B 13 2.06 -18.81 5.05
CA ILE B 13 3.30 -18.04 5.26
C ILE B 13 4.26 -18.43 4.16
N ILE B 14 4.72 -17.47 3.38
CA ILE B 14 5.63 -17.72 2.26
C ILE B 14 7.03 -17.26 2.65
N SER B 15 7.96 -18.20 2.42
CA SER B 15 9.40 -17.95 2.62
CA SER B 15 9.40 -17.96 2.64
CA SER B 15 9.40 -17.92 2.60
C SER B 15 10.20 -18.64 1.52
N SER B 16 11.25 -17.98 1.06
CA SER B 16 12.23 -18.63 0.18
C SER B 16 13.59 -18.30 0.74
N PRO B 17 14.49 -19.30 0.94
CA PRO B 17 15.84 -18.98 1.40
C PRO B 17 16.69 -18.36 0.29
N LEU B 18 16.17 -18.39 -0.93
CA LEU B 18 16.88 -17.77 -2.08
C LEU B 18 16.73 -16.25 -2.08
N CYS B 19 15.72 -15.78 -1.38
CA CYS B 19 15.47 -14.33 -1.21
CA CYS B 19 15.41 -14.35 -1.16
C CYS B 19 15.99 -13.94 0.17
N PRO B 20 16.72 -12.81 0.25
CA PRO B 20 17.18 -12.38 1.55
C PRO B 20 16.04 -12.19 2.54
N LYS B 21 16.34 -12.53 3.78
CA LYS B 21 15.37 -12.32 4.88
CA LYS B 21 15.38 -12.31 4.89
C LYS B 21 16.14 -11.73 6.06
N PRO B 22 16.40 -10.40 6.01
CA PRO B 22 17.01 -9.73 7.15
C PRO B 22 16.17 -10.03 8.40
N VAL B 23 16.82 -10.07 9.56
CA VAL B 23 16.15 -10.40 10.86
CA VAL B 23 16.15 -10.39 10.87
C VAL B 23 14.98 -9.43 11.09
N GLY B 24 13.84 -9.96 11.53
CA GLY B 24 12.76 -9.12 12.03
C GLY B 24 11.41 -9.80 11.98
N PRO B 25 10.43 -9.16 12.70
CA PRO B 25 9.10 -9.73 12.90
C PRO B 25 8.20 -9.52 11.69
N TYR B 26 8.58 -10.11 10.59
CA TYR B 26 7.83 -10.00 9.32
C TYR B 26 8.06 -11.29 8.55
N ASN B 27 7.19 -11.49 7.57
CA ASN B 27 7.34 -12.58 6.59
C ASN B 27 7.56 -11.97 5.21
N GLN B 28 8.32 -12.65 4.38
CA GLN B 28 8.59 -12.23 3.00
CA GLN B 28 8.59 -12.20 3.00
C GLN B 28 7.28 -11.99 2.26
N ALA B 29 6.32 -12.90 2.44
CA ALA B 29 5.01 -12.73 1.86
C ALA B 29 4.00 -13.54 2.65
N ILE B 30 2.75 -13.09 2.54
CA ILE B 30 1.60 -13.76 3.14
C ILE B 30 0.62 -14.00 2.00
N LEU B 31 0.17 -15.25 1.91
CA LEU B 31 -0.85 -15.65 0.93
C LEU B 31 -2.18 -15.78 1.66
N VAL B 32 -3.17 -15.09 1.15
CA VAL B 32 -4.52 -15.34 1.69
CA VAL B 32 -4.56 -15.13 1.66
C VAL B 32 -5.44 -15.63 0.52
N ASN B 33 -5.96 -16.85 0.60
CA ASN B 33 -6.62 -17.52 -0.53
CA ASN B 33 -6.64 -17.49 -0.55
C ASN B 33 -5.67 -17.45 -1.74
N HIS B 34 -5.96 -16.68 -2.77
CA HIS B 34 -5.13 -16.60 -4.00
C HIS B 34 -4.40 -15.25 -4.09
N THR B 35 -4.47 -14.44 -3.05
CA THR B 35 -3.84 -13.10 -3.12
C THR B 35 -2.59 -13.06 -2.24
N LEU B 36 -1.48 -12.77 -2.91
CA LEU B 36 -0.13 -12.83 -2.28
C LEU B 36 0.31 -11.36 -1.99
N TYR B 37 0.55 -11.09 -0.72
CA TYR B 37 1.01 -9.76 -0.27
C TYR B 37 2.52 -9.90 0.06
N LEU B 38 3.31 -9.26 -0.78
CA LEU B 38 4.78 -9.30 -0.65
C LEU B 38 5.26 -8.12 0.20
N SER B 39 6.16 -8.36 1.11
CA SER B 39 6.93 -7.32 1.78
C SER B 39 7.73 -6.52 0.76
N GLY B 40 8.00 -5.27 1.11
CA GLY B 40 8.93 -4.48 0.30
C GLY B 40 10.26 -5.17 0.20
N ILE B 41 10.82 -5.17 -0.97
CA ILE B 41 12.10 -5.87 -1.32
C ILE B 41 13.16 -4.79 -1.64
N LEU B 42 14.29 -4.93 -1.01
CA LEU B 42 15.50 -4.18 -1.34
C LEU B 42 16.41 -5.06 -2.21
N GLY B 43 17.34 -4.45 -2.90
CA GLY B 43 18.27 -5.14 -3.78
C GLY B 43 19.46 -5.74 -3.02
N ILE B 44 19.18 -6.63 -2.10
CA ILE B 44 20.17 -7.31 -1.27
C ILE B 44 20.65 -8.57 -1.98
N ASP B 45 21.95 -8.75 -1.94
CA ASP B 45 22.59 -10.00 -2.39
CA ASP B 45 22.57 -10.02 -2.39
C ASP B 45 22.39 -11.03 -1.25
N VAL B 46 21.71 -12.12 -1.51
CA VAL B 46 21.47 -13.11 -0.45
C VAL B 46 22.75 -13.65 0.15
N LYS B 47 23.82 -13.73 -0.62
CA LYS B 47 25.09 -14.25 -0.09
C LYS B 47 25.75 -13.28 0.86
N THR B 48 25.82 -12.00 0.53
CA THR B 48 26.54 -11.03 1.36
C THR B 48 25.66 -10.48 2.46
N GLU B 49 24.34 -10.52 2.29
CA GLU B 49 23.33 -9.88 3.18
CA GLU B 49 23.40 -9.86 3.26
C GLU B 49 23.45 -8.35 3.13
N LYS B 50 24.09 -7.84 2.13
CA LYS B 50 24.28 -6.40 1.87
CA LYS B 50 24.22 -6.39 1.92
C LYS B 50 23.65 -6.04 0.55
N LEU B 51 23.37 -4.76 0.34
CA LEU B 51 22.97 -4.32 -1.00
C LEU B 51 24.02 -4.70 -2.04
N VAL B 52 23.56 -5.04 -3.19
CA VAL B 52 24.48 -5.16 -4.36
CA VAL B 52 24.44 -5.17 -4.38
C VAL B 52 25.13 -3.81 -4.61
N ASN B 53 26.33 -3.84 -5.14
CA ASN B 53 27.00 -2.62 -5.60
C ASN B 53 26.44 -2.18 -6.93
N GLY B 54 26.51 -0.88 -7.19
CA GLY B 54 26.26 -0.32 -8.52
C GLY B 54 25.12 0.70 -8.55
N GLY B 55 24.35 0.81 -7.49
CA GLY B 55 23.30 1.83 -7.43
C GLY B 55 21.99 1.34 -7.98
N ALA B 56 21.16 2.28 -8.40
CA ALA B 56 19.74 1.99 -8.67
C ALA B 56 19.52 0.92 -9.71
N VAL B 57 20.28 0.85 -10.78
CA VAL B 57 20.05 -0.19 -11.81
C VAL B 57 20.27 -1.57 -11.21
N ALA B 58 21.43 -1.76 -10.58
CA ALA B 58 21.76 -3.06 -9.99
C ALA B 58 20.75 -3.42 -8.91
N GLU B 59 20.42 -2.44 -8.05
CA GLU B 59 19.48 -2.72 -6.94
C GLU B 59 18.11 -3.09 -7.47
N THR B 60 17.66 -2.43 -8.54
CA THR B 60 16.36 -2.79 -9.13
C THR B 60 16.39 -4.22 -9.59
N ARG B 61 17.45 -4.54 -10.32
CA ARG B 61 17.51 -5.89 -10.90
C ARG B 61 17.54 -6.94 -9.78
N GLN B 62 18.38 -6.69 -8.77
N GLN B 62 18.36 -6.70 -8.75
CA GLN B 62 18.50 -7.65 -7.66
CA GLN B 62 18.49 -7.69 -7.66
C GLN B 62 17.15 -7.80 -6.95
C GLN B 62 17.18 -7.79 -6.89
N ALA B 63 16.50 -6.67 -6.67
CA ALA B 63 15.20 -6.73 -5.98
C ALA B 63 14.22 -7.56 -6.78
N LEU B 64 14.14 -7.38 -8.10
CA LEU B 64 13.19 -8.11 -8.93
C LEU B 64 13.61 -9.57 -9.07
N LEU B 65 14.89 -9.88 -9.13
CA LEU B 65 15.29 -11.29 -9.07
C LEU B 65 14.85 -11.91 -7.76
N ASN B 66 15.05 -11.22 -6.67
CA ASN B 66 14.67 -11.72 -5.32
C ASN B 66 13.18 -11.95 -5.29
N MET B 67 12.41 -11.03 -5.85
CA MET B 67 10.97 -11.14 -5.90
C MET B 67 10.54 -12.44 -6.59
N GLY B 68 11.23 -12.80 -7.65
CA GLY B 68 10.86 -14.01 -8.41
C GLY B 68 10.93 -15.25 -7.55
N HIS B 69 11.84 -15.31 -6.60
CA HIS B 69 11.89 -16.50 -5.74
C HIS B 69 10.67 -16.58 -4.86
N ILE B 70 10.21 -15.44 -4.37
N ILE B 70 10.25 -15.43 -4.34
CA ILE B 70 9.01 -15.42 -3.52
CA ILE B 70 9.03 -15.38 -3.50
C ILE B 70 7.78 -15.76 -4.34
C ILE B 70 7.81 -15.75 -4.32
N LEU B 71 7.66 -15.18 -5.52
CA LEU B 71 6.50 -15.46 -6.39
C LEU B 71 6.46 -16.97 -6.66
N LYS B 72 7.57 -17.54 -7.05
CA LYS B 72 7.60 -19.00 -7.44
CA LYS B 72 7.54 -18.99 -7.45
C LYS B 72 7.30 -19.88 -6.24
N GLU B 73 7.82 -19.54 -5.08
CA GLU B 73 7.53 -20.32 -3.87
CA GLU B 73 7.54 -20.27 -3.81
C GLU B 73 6.02 -20.35 -3.59
N ALA B 74 5.29 -19.29 -3.91
CA ALA B 74 3.85 -19.19 -3.63
C ALA B 74 2.99 -19.76 -4.75
N GLY B 75 3.57 -20.16 -5.88
CA GLY B 75 2.76 -20.54 -7.04
C GLY B 75 2.25 -19.36 -7.83
N SER B 76 3.04 -18.27 -7.84
CA SER B 76 2.78 -17.12 -8.70
C SER B 76 3.94 -16.98 -9.67
N ASN B 77 3.95 -15.85 -10.36
CA ASN B 77 5.02 -15.52 -11.34
CA ASN B 77 5.05 -15.50 -11.28
C ASN B 77 4.94 -14.02 -11.65
N TYR B 78 5.90 -13.50 -12.35
CA TYR B 78 5.86 -12.06 -12.68
C TYR B 78 4.59 -11.72 -13.45
N ASN B 79 4.13 -12.63 -14.30
N ASN B 79 4.12 -12.61 -14.35
CA ASN B 79 2.96 -12.29 -15.14
CA ASN B 79 2.89 -12.44 -15.20
C ASN B 79 1.64 -12.51 -14.37
C ASN B 79 1.65 -12.25 -14.31
N LYS B 80 1.72 -12.74 -13.07
CA LYS B 80 0.55 -12.79 -12.17
C LYS B 80 0.67 -11.68 -11.11
N VAL B 81 1.63 -10.78 -11.24
CA VAL B 81 1.68 -9.60 -10.34
C VAL B 81 0.61 -8.60 -10.76
N ILE B 82 -0.16 -8.14 -9.78
CA ILE B 82 -1.35 -7.28 -9.91
CA ILE B 82 -1.26 -7.23 -10.18
C ILE B 82 -0.98 -5.80 -9.79
N LYS B 83 -0.15 -5.50 -8.80
CA LYS B 83 0.10 -4.12 -8.30
CA LYS B 83 0.15 -4.10 -8.44
C LYS B 83 1.54 -4.07 -7.81
N THR B 84 2.28 -3.06 -8.21
CA THR B 84 3.58 -2.79 -7.58
C THR B 84 3.60 -1.34 -7.11
N THR B 85 4.41 -1.10 -6.07
CA THR B 85 4.77 0.26 -5.65
C THR B 85 6.29 0.34 -5.61
N ILE B 86 6.81 1.36 -6.27
CA ILE B 86 8.24 1.60 -6.36
C ILE B 86 8.58 2.80 -5.52
N PHE B 87 9.27 2.59 -4.43
CA PHE B 87 9.75 3.62 -3.54
C PHE B 87 11.15 4.01 -3.97
N LEU B 88 11.40 5.23 -4.37
CA LEU B 88 12.71 5.66 -4.84
C LEU B 88 13.36 6.60 -3.85
N GLN B 89 14.66 6.51 -3.69
CA GLN B 89 15.41 7.55 -3.01
CA GLN B 89 15.42 7.57 -3.00
C GLN B 89 15.49 8.83 -3.88
N ASP B 90 15.46 8.68 -5.19
CA ASP B 90 15.65 9.81 -6.11
C ASP B 90 14.74 9.61 -7.29
N ILE B 91 13.75 10.51 -7.47
CA ILE B 91 12.83 10.43 -8.62
C ILE B 91 13.58 10.46 -9.94
N ASN B 92 14.79 11.02 -9.97
CA ASN B 92 15.56 11.09 -11.23
C ASN B 92 16.11 9.71 -11.63
N ASP B 93 15.99 8.70 -10.76
CA ASP B 93 16.35 7.34 -11.12
C ASP B 93 15.21 6.62 -11.83
N PHE B 94 14.02 7.24 -11.93
CA PHE B 94 12.85 6.52 -12.46
CA PHE B 94 12.85 6.44 -12.41
C PHE B 94 13.12 5.88 -13.83
N THR B 95 13.70 6.66 -14.74
CA THR B 95 13.89 6.13 -16.10
C THR B 95 14.74 4.85 -16.07
N ASP B 96 15.85 4.90 -15.30
CA ASP B 96 16.72 3.72 -15.25
C ASP B 96 16.05 2.54 -14.55
N VAL B 97 15.29 2.85 -13.49
CA VAL B 97 14.57 1.76 -12.76
C VAL B 97 13.52 1.15 -13.68
N ASN B 98 12.81 1.99 -14.40
CA ASN B 98 11.75 1.47 -15.29
C ASN B 98 12.35 0.59 -16.42
N GLU B 99 13.52 0.92 -16.92
CA GLU B 99 14.15 0.07 -17.95
C GLU B 99 14.48 -1.32 -17.40
N VAL B 100 14.94 -1.41 -16.15
CA VAL B 100 15.12 -2.72 -15.55
C VAL B 100 13.79 -3.41 -15.32
N TYR B 101 12.77 -2.67 -14.86
CA TYR B 101 11.46 -3.26 -14.60
C TYR B 101 10.95 -3.98 -15.86
N LYS B 102 11.20 -3.42 -17.04
CA LYS B 102 10.75 -4.01 -18.30
C LYS B 102 11.46 -5.36 -18.58
N GLU B 103 12.54 -5.70 -17.91
CA GLU B 103 13.18 -7.00 -18.06
C GLU B 103 12.30 -8.09 -17.47
N PHE B 104 11.45 -7.74 -16.48
CA PHE B 104 10.69 -8.72 -15.71
C PHE B 104 9.21 -8.74 -16.04
N PHE B 105 8.68 -7.59 -16.37
CA PHE B 105 7.23 -7.42 -16.64
C PHE B 105 7.03 -7.13 -18.11
N LYS B 106 6.49 -8.13 -18.83
CA LYS B 106 6.42 -8.07 -20.32
C LYS B 106 5.01 -8.01 -20.90
N GLU B 107 4.03 -8.38 -20.12
CA GLU B 107 2.62 -8.52 -20.55
C GLU B 107 1.68 -8.29 -19.38
N ASN B 108 0.41 -7.95 -19.66
CA ASN B 108 -0.62 -7.87 -18.59
C ASN B 108 0.00 -7.10 -17.41
N TYR B 109 0.53 -5.96 -17.71
CA TYR B 109 1.41 -5.28 -16.75
C TYR B 109 0.63 -4.92 -15.50
N PRO B 110 1.31 -4.94 -14.35
CA PRO B 110 0.70 -4.57 -13.10
C PRO B 110 0.26 -3.12 -13.13
N ALA B 111 -0.75 -2.83 -12.31
CA ALA B 111 -0.97 -1.46 -11.85
C ALA B 111 0.29 -1.04 -11.07
N ARG B 112 0.56 0.24 -11.00
CA ARG B 112 1.82 0.73 -10.40
C ARG B 112 1.64 2.10 -9.78
N SER B 113 2.37 2.35 -8.70
CA SER B 113 2.56 3.69 -8.12
C SER B 113 4.06 3.87 -7.90
N THR B 114 4.56 5.08 -8.05
CA THR B 114 5.98 5.39 -7.87
C THR B 114 6.11 6.74 -7.26
N PHE B 115 7.00 6.92 -6.30
CA PHE B 115 7.27 8.22 -5.70
C PHE B 115 8.67 8.18 -5.08
N GLN B 116 9.19 9.35 -4.78
CA GLN B 116 10.42 9.50 -4.03
C GLN B 116 10.11 9.65 -2.58
N VAL B 117 10.73 8.84 -1.73
CA VAL B 117 10.56 8.89 -0.30
C VAL B 117 11.63 9.74 0.34
N GLY B 118 11.52 9.95 1.64
CA GLY B 118 12.60 10.59 2.39
C GLY B 118 13.85 9.78 2.49
N LYS B 119 13.76 8.57 3.03
N LYS B 119 13.71 8.51 2.83
CA LYS B 119 14.88 7.62 3.10
CA LYS B 119 14.85 7.62 2.99
C LYS B 119 14.31 6.22 2.99
C LYS B 119 14.35 6.20 3.09
N LEU B 120 15.15 5.26 2.62
CA LEU B 120 14.85 3.83 2.69
C LEU B 120 15.71 3.18 3.72
N PRO B 121 15.32 2.00 4.18
CA PRO B 121 16.23 1.21 4.98
CA PRO B 121 16.21 1.18 4.99
C PRO B 121 17.51 0.90 4.23
N MET B 122 18.58 0.73 4.99
CA MET B 122 19.89 0.33 4.45
CA MET B 122 19.89 0.28 4.44
C MET B 122 20.46 1.35 3.48
N ALA B 123 20.01 2.59 3.55
CA ALA B 123 20.43 3.62 2.61
C ALA B 123 20.26 3.12 1.17
N ALA B 124 19.22 2.36 0.92
CA ALA B 124 18.97 1.84 -0.43
C ALA B 124 18.50 2.88 -1.41
N GLN B 125 18.65 2.61 -2.70
CA GLN B 125 18.14 3.52 -3.73
C GLN B 125 16.71 3.22 -4.11
N LEU B 126 16.19 2.01 -3.85
N LEU B 126 16.22 2.05 -3.78
CA LEU B 126 15.00 1.38 -4.52
CA LEU B 126 14.77 1.81 -3.93
C LEU B 126 14.37 0.41 -3.54
C LEU B 126 14.35 0.61 -3.12
N GLU B 127 13.07 0.45 -3.17
CA GLU B 127 12.36 -0.64 -2.51
C GLU B 127 11.12 -0.90 -3.38
N ILE B 128 10.75 -2.15 -3.62
N ILE B 128 10.75 -2.14 -3.56
CA ILE B 128 9.56 -2.47 -4.43
CA ILE B 128 9.56 -2.48 -4.36
C ILE B 128 8.66 -3.41 -3.64
C ILE B 128 8.67 -3.41 -3.55
N GLU B 129 7.41 -3.03 -3.48
CA GLU B 129 6.45 -3.96 -2.88
CA GLU B 129 6.34 -3.77 -2.84
C GLU B 129 5.43 -4.33 -3.95
N ALA B 130 4.84 -5.47 -3.77
CA ALA B 130 3.95 -6.01 -4.81
C ALA B 130 2.82 -6.81 -4.19
N ILE B 131 1.76 -6.94 -5.01
N ILE B 131 1.73 -6.98 -4.96
CA ILE B 131 0.65 -7.86 -4.74
CA ILE B 131 0.65 -7.94 -4.61
C ILE B 131 0.53 -8.75 -5.98
C ILE B 131 0.38 -8.72 -5.89
N ALA B 132 0.29 -10.04 -5.77
CA ALA B 132 0.23 -11.00 -6.88
C ALA B 132 -0.90 -12.00 -6.67
N ILE B 133 -1.20 -12.74 -7.72
CA ILE B 133 -2.21 -13.83 -7.67
CA ILE B 133 -2.20 -13.82 -7.57
C ILE B 133 -1.51 -15.19 -7.77
N THR B 134 -1.98 -16.16 -7.00
CA THR B 134 -1.44 -17.52 -7.12
C THR B 134 -2.46 -18.39 -7.82
N GLY B 135 -1.99 -19.53 -8.30
CA GLY B 135 -2.82 -20.52 -8.99
C GLY B 135 -3.29 -20.05 -10.35
N GLU B 136 -4.36 -20.66 -10.86
CA GLU B 136 -4.81 -20.42 -12.24
C GLU B 136 -5.45 -19.04 -12.37
N VAL B 137 -5.04 -18.33 -13.41
CA VAL B 137 -5.54 -16.99 -13.75
C VAL B 137 -5.98 -16.98 -15.20
N GLU B 138 -7.22 -16.65 -15.41
CA GLU B 138 -7.81 -16.39 -16.75
C GLU B 138 -7.81 -14.88 -16.94
N THR B 139 -7.13 -14.38 -17.95
CA THR B 139 -7.11 -12.92 -18.26
C THR B 139 -8.04 -12.63 -19.44
N ILE B 140 -9.09 -11.84 -19.22
CA ILE B 140 -10.26 -11.79 -20.15
C ILE B 140 -10.31 -10.43 -20.86
N LYS C 8 -10.40 -20.77 -10.46
CA LYS C 8 -9.64 -19.82 -11.29
C LYS C 8 -9.92 -18.40 -10.81
N THR C 9 -8.88 -17.60 -10.80
CA THR C 9 -8.98 -16.13 -10.59
CA THR C 9 -9.02 -16.14 -10.61
C THR C 9 -9.23 -15.51 -11.96
N ILE C 10 -10.19 -14.60 -12.06
CA ILE C 10 -10.44 -13.86 -13.34
CA ILE C 10 -10.44 -13.86 -13.34
C ILE C 10 -9.78 -12.48 -13.24
N ARG C 11 -8.86 -12.22 -14.16
CA ARG C 11 -8.16 -10.92 -14.24
C ARG C 11 -8.61 -10.16 -15.48
N LYS C 12 -8.94 -8.91 -15.29
CA LYS C 12 -9.27 -8.00 -16.39
C LYS C 12 -8.32 -6.81 -16.36
N ILE C 13 -7.76 -6.53 -17.52
CA ILE C 13 -6.88 -5.37 -17.77
C ILE C 13 -7.81 -4.19 -18.02
N ILE C 14 -7.75 -3.15 -17.18
CA ILE C 14 -8.65 -1.97 -17.32
C ILE C 14 -7.93 -0.84 -18.04
N SER C 15 -8.55 -0.38 -19.11
CA SER C 15 -8.06 0.76 -19.93
C SER C 15 -9.22 1.65 -20.36
N SER C 16 -9.34 2.85 -19.81
CA SER C 16 -10.35 3.86 -20.19
C SER C 16 -9.71 4.78 -21.19
N PRO C 17 -10.37 5.03 -22.31
CA PRO C 17 -9.83 5.97 -23.28
C PRO C 17 -10.04 7.43 -22.87
N LEU C 18 -10.84 7.67 -21.82
CA LEU C 18 -11.06 9.04 -21.32
C LEU C 18 -9.91 9.44 -20.38
N CYS C 19 -8.98 8.53 -20.07
CA CYS C 19 -7.79 8.70 -19.14
CA CYS C 19 -7.76 8.85 -19.27
C CYS C 19 -6.52 8.62 -20.04
N PRO C 20 -5.45 9.36 -19.70
CA PRO C 20 -4.16 9.18 -20.35
C PRO C 20 -3.81 7.69 -20.42
N LYS C 21 -3.51 7.23 -21.64
CA LYS C 21 -3.06 5.85 -21.95
C LYS C 21 -1.70 5.62 -21.31
N PRO C 22 -1.46 4.41 -20.74
CA PRO C 22 -0.16 4.10 -20.16
C PRO C 22 0.94 4.15 -21.22
N VAL C 23 1.99 4.90 -20.91
CA VAL C 23 3.23 4.94 -21.72
C VAL C 23 4.28 4.27 -20.86
N GLY C 24 4.38 2.95 -21.01
CA GLY C 24 5.32 2.10 -20.27
C GLY C 24 4.63 0.89 -19.71
N PRO C 25 5.35 0.14 -18.86
CA PRO C 25 5.00 -1.22 -18.49
C PRO C 25 4.07 -1.23 -17.27
N TYR C 26 2.91 -0.61 -17.42
CA TYR C 26 1.87 -0.61 -16.38
CA TYR C 26 1.88 -0.51 -16.37
C TYR C 26 0.50 -0.45 -17.02
N ASN C 27 -0.48 -0.76 -16.24
CA ASN C 27 -1.89 -0.52 -16.62
C ASN C 27 -2.58 0.46 -15.66
N GLN C 28 -3.61 1.15 -16.14
CA GLN C 28 -4.40 2.08 -15.30
C GLN C 28 -4.96 1.36 -14.07
N ALA C 29 -5.46 0.16 -14.24
CA ALA C 29 -6.01 -0.67 -13.16
C ALA C 29 -6.03 -2.11 -13.58
N ILE C 30 -6.04 -2.95 -12.58
CA ILE C 30 -6.17 -4.41 -12.76
C ILE C 30 -7.31 -4.86 -11.87
N LEU C 31 -8.23 -5.60 -12.46
CA LEU C 31 -9.40 -6.17 -11.75
C LEU C 31 -9.07 -7.65 -11.50
N VAL C 32 -9.20 -8.08 -10.28
CA VAL C 32 -9.09 -9.54 -10.00
CA VAL C 32 -9.00 -9.50 -9.84
C VAL C 32 -10.34 -9.90 -9.22
N ASN C 33 -11.08 -10.83 -9.85
CA ASN C 33 -12.46 -11.11 -9.40
C ASN C 33 -13.22 -9.79 -9.35
N HIS C 34 -13.59 -9.32 -8.15
CA HIS C 34 -14.36 -8.08 -7.94
C HIS C 34 -13.51 -7.02 -7.22
N THR C 35 -12.20 -7.22 -7.11
CA THR C 35 -11.31 -6.23 -6.47
C THR C 35 -10.44 -5.53 -7.50
N LEU C 36 -10.63 -4.22 -7.54
CA LEU C 36 -9.99 -3.36 -8.58
C LEU C 36 -8.81 -2.62 -7.92
N TYR C 37 -7.63 -2.81 -8.47
CA TYR C 37 -6.38 -2.19 -8.00
C TYR C 37 -6.03 -1.10 -8.97
N LEU C 38 -6.13 0.15 -8.55
CA LEU C 38 -5.85 1.29 -9.40
C LEU C 38 -4.38 1.72 -9.22
N SER C 39 -3.73 2.08 -10.33
CA SER C 39 -2.45 2.79 -10.27
C SER C 39 -2.61 4.13 -9.62
N GLY C 40 -1.51 4.64 -9.09
CA GLY C 40 -1.49 6.01 -8.61
C GLY C 40 -1.86 6.96 -9.76
N ILE C 41 -2.73 7.90 -9.48
CA ILE C 41 -3.25 8.83 -10.51
C ILE C 41 -2.73 10.22 -10.20
N LEU C 42 -2.22 10.83 -11.24
CA LEU C 42 -1.82 12.24 -11.24
C LEU C 42 -2.95 13.06 -11.95
N GLY C 43 -2.97 14.34 -11.71
CA GLY C 43 -3.99 15.24 -12.31
C GLY C 43 -3.59 15.64 -13.72
N ILE C 44 -3.55 14.66 -14.62
CA ILE C 44 -3.14 14.88 -16.03
C ILE C 44 -4.38 15.17 -16.88
N ASP C 45 -4.23 16.18 -17.71
CA ASP C 45 -5.22 16.49 -18.79
C ASP C 45 -5.01 15.47 -19.93
N VAL C 46 -6.02 14.66 -20.29
CA VAL C 46 -5.85 13.57 -21.28
C VAL C 46 -5.46 14.15 -22.63
N LYS C 47 -5.91 15.39 -22.88
CA LYS C 47 -5.67 15.98 -24.19
C LYS C 47 -4.23 16.43 -24.29
N THR C 48 -3.68 17.20 -23.32
CA THR C 48 -2.31 17.78 -23.37
C THR C 48 -1.27 16.78 -22.85
N GLU C 49 -1.67 15.78 -22.08
CA GLU C 49 -0.76 14.81 -21.40
CA GLU C 49 -0.70 14.82 -21.47
C GLU C 49 0.17 15.54 -20.42
N LYS C 50 -0.23 16.72 -19.97
CA LYS C 50 0.46 17.55 -18.95
C LYS C 50 -0.44 17.66 -17.71
N LEU C 51 0.19 17.87 -16.56
CA LEU C 51 -0.67 18.20 -15.40
C LEU C 51 -1.55 19.41 -15.72
N VAL C 52 -2.79 19.38 -15.23
CA VAL C 52 -3.62 20.62 -15.23
C VAL C 52 -2.82 21.65 -14.43
N ASN C 53 -2.97 22.91 -14.81
CA ASN C 53 -2.40 24.02 -14.10
C ASN C 53 -3.20 24.33 -12.82
N GLY C 54 -2.56 25.01 -11.90
CA GLY C 54 -3.26 25.61 -10.77
C GLY C 54 -2.92 24.97 -9.43
N GLY C 55 -2.07 23.95 -9.37
CA GLY C 55 -1.58 23.41 -8.09
C GLY C 55 -2.48 22.35 -7.55
N ALA C 56 -2.36 22.15 -6.22
CA ALA C 56 -2.97 20.98 -5.56
C ALA C 56 -4.47 20.85 -5.73
N VAL C 57 -5.21 21.99 -5.65
CA VAL C 57 -6.69 21.90 -5.82
C VAL C 57 -7.04 21.38 -7.18
N ALA C 58 -6.45 22.02 -8.22
CA ALA C 58 -6.76 21.62 -9.59
C ALA C 58 -6.34 20.19 -9.89
N GLU C 59 -5.14 19.83 -9.38
CA GLU C 59 -4.60 18.47 -9.63
C GLU C 59 -5.45 17.41 -8.91
N THR C 60 -5.97 17.73 -7.68
CA THR C 60 -6.88 16.80 -6.99
C THR C 60 -8.14 16.52 -7.82
N ARG C 61 -8.75 17.62 -8.33
CA ARG C 61 -10.01 17.47 -9.09
CA ARG C 61 -9.97 17.52 -9.11
C ARG C 61 -9.77 16.68 -10.35
N GLN C 62 -8.66 16.95 -11.07
N GLN C 62 -8.64 16.94 -11.05
CA GLN C 62 -8.43 16.18 -12.30
CA GLN C 62 -8.37 16.21 -12.29
C GLN C 62 -8.09 14.74 -11.98
C GLN C 62 -8.07 14.76 -11.99
N ALA C 63 -7.29 14.50 -10.94
CA ALA C 63 -6.98 13.10 -10.58
C ALA C 63 -8.26 12.35 -10.28
N LEU C 64 -9.18 12.98 -9.52
CA LEU C 64 -10.42 12.28 -9.15
C LEU C 64 -11.41 12.12 -10.31
N LEU C 65 -11.41 13.07 -11.23
N LEU C 65 -11.41 13.04 -11.26
CA LEU C 65 -12.13 12.92 -12.52
CA LEU C 65 -12.14 12.85 -12.55
C LEU C 65 -11.56 11.71 -13.30
C LEU C 65 -11.56 11.65 -13.29
N ASN C 66 -10.24 11.59 -13.37
CA ASN C 66 -9.57 10.45 -14.06
C ASN C 66 -9.94 9.15 -13.35
N MET C 67 -9.90 9.18 -12.00
CA MET C 67 -10.28 7.97 -11.25
C MET C 67 -11.68 7.51 -11.64
N GLY C 68 -12.62 8.45 -11.78
CA GLY C 68 -14.01 8.08 -12.10
C GLY C 68 -14.11 7.40 -13.44
N HIS C 69 -13.31 7.84 -14.42
CA HIS C 69 -13.24 7.16 -15.74
C HIS C 69 -12.83 5.72 -15.57
N ILE C 70 -11.79 5.49 -14.77
N ILE C 70 -11.76 5.51 -14.79
CA ILE C 70 -11.21 4.14 -14.60
CA ILE C 70 -11.15 4.16 -14.57
C ILE C 70 -12.20 3.27 -13.82
C ILE C 70 -12.16 3.28 -13.81
N LEU C 71 -12.76 3.82 -12.73
CA LEU C 71 -13.73 3.07 -11.93
C LEU C 71 -14.89 2.60 -12.85
N LYS C 72 -15.46 3.54 -13.60
CA LYS C 72 -16.64 3.23 -14.44
C LYS C 72 -16.30 2.22 -15.53
N GLU C 73 -15.11 2.31 -16.13
CA GLU C 73 -14.68 1.32 -17.16
C GLU C 73 -14.74 -0.08 -16.55
N ALA C 74 -14.35 -0.21 -15.28
CA ALA C 74 -14.22 -1.50 -14.61
C ALA C 74 -15.58 -1.99 -14.06
N GLY C 75 -16.61 -1.15 -13.99
CA GLY C 75 -17.90 -1.49 -13.35
C GLY C 75 -17.95 -1.10 -11.88
N SER C 76 -17.09 -0.17 -11.48
CA SER C 76 -17.13 0.38 -10.14
C SER C 76 -17.56 1.84 -10.19
N ASN C 77 -17.45 2.51 -9.06
CA ASN C 77 -17.80 3.90 -8.92
C ASN C 77 -17.23 4.43 -7.63
N TYR C 78 -17.28 5.72 -7.43
CA TYR C 78 -16.73 6.31 -6.19
C TYR C 78 -17.30 5.66 -4.93
N ASN C 79 -18.60 5.37 -4.92
CA ASN C 79 -19.23 4.80 -3.70
C ASN C 79 -18.82 3.36 -3.47
N LYS C 80 -17.98 2.78 -4.33
CA LYS C 80 -17.49 1.40 -4.17
C LYS C 80 -15.96 1.40 -3.97
N VAL C 81 -15.37 2.56 -3.76
CA VAL C 81 -13.94 2.63 -3.36
C VAL C 81 -13.83 2.23 -1.90
N ILE C 82 -12.88 1.36 -1.63
CA ILE C 82 -12.60 0.77 -0.30
CA ILE C 82 -12.60 0.76 -0.29
C ILE C 82 -11.55 1.60 0.46
N LYS C 83 -10.47 1.95 -0.24
CA LYS C 83 -9.32 2.60 0.41
C LYS C 83 -8.61 3.47 -0.61
N THR C 84 -8.19 4.63 -0.18
CA THR C 84 -7.31 5.48 -0.97
C THR C 84 -6.05 5.77 -0.20
N THR C 85 -5.01 6.12 -0.96
CA THR C 85 -3.79 6.68 -0.37
C THR C 85 -3.48 7.96 -1.12
N ILE C 86 -3.29 9.02 -0.37
CA ILE C 86 -2.96 10.33 -0.90
C ILE C 86 -1.53 10.66 -0.62
N PHE C 87 -0.75 10.80 -1.66
CA PHE C 87 0.67 11.16 -1.62
C PHE C 87 0.78 12.65 -1.90
N LEU C 88 1.21 13.46 -0.95
CA LEU C 88 1.25 14.91 -1.15
C LEU C 88 2.67 15.37 -1.28
N GLN C 89 2.89 16.40 -2.09
CA GLN C 89 4.16 17.10 -2.06
C GLN C 89 4.28 18.01 -0.83
N ASP C 90 3.14 18.48 -0.30
CA ASP C 90 3.10 19.38 0.86
C ASP C 90 1.92 19.05 1.75
N ILE C 91 2.24 18.53 2.94
CA ILE C 91 1.18 18.16 3.91
C ILE C 91 0.24 19.36 4.18
N ASN C 92 0.71 20.55 4.00
CA ASN C 92 -0.13 21.74 4.32
C ASN C 92 -1.25 21.88 3.29
N ASP C 93 -1.23 21.16 2.18
CA ASP C 93 -2.37 21.10 1.23
C ASP C 93 -3.51 20.22 1.67
N PHE C 94 -3.39 19.49 2.82
CA PHE C 94 -4.36 18.46 3.22
CA PHE C 94 -4.38 18.46 3.22
C PHE C 94 -5.79 19.06 3.24
N THR C 95 -5.96 20.21 3.87
CA THR C 95 -7.29 20.84 4.05
C THR C 95 -7.95 21.11 2.68
N ASP C 96 -7.18 21.64 1.76
CA ASP C 96 -7.72 21.96 0.42
C ASP C 96 -7.99 20.69 -0.37
N VAL C 97 -7.09 19.69 -0.29
CA VAL C 97 -7.31 18.43 -1.02
C VAL C 97 -8.60 17.79 -0.52
N ASN C 98 -8.76 17.77 0.81
CA ASN C 98 -9.95 17.13 1.45
CA ASN C 98 -9.92 17.14 1.45
C ASN C 98 -11.24 17.79 0.95
N GLU C 99 -11.23 19.13 0.79
CA GLU C 99 -12.42 19.82 0.28
C GLU C 99 -12.78 19.35 -1.12
N VAL C 100 -11.76 19.13 -1.99
CA VAL C 100 -12.04 18.55 -3.32
C VAL C 100 -12.50 17.11 -3.22
N TYR C 101 -11.79 16.34 -2.37
CA TYR C 101 -12.12 14.90 -2.16
C TYR C 101 -13.62 14.71 -1.87
N LYS C 102 -14.15 15.60 -1.04
CA LYS C 102 -15.58 15.59 -0.64
C LYS C 102 -16.52 15.90 -1.80
N GLU C 103 -16.08 16.52 -2.89
CA GLU C 103 -16.94 16.67 -4.11
CA GLU C 103 -16.87 16.68 -4.17
C GLU C 103 -17.20 15.28 -4.73
N PHE C 104 -16.31 14.29 -4.50
CA PHE C 104 -16.41 12.97 -5.19
C PHE C 104 -16.89 11.86 -4.25
N PHE C 105 -16.38 11.88 -3.01
CA PHE C 105 -16.71 10.85 -2.03
C PHE C 105 -17.74 11.48 -1.07
N LYS C 106 -18.95 10.93 -1.07
CA LYS C 106 -20.14 11.55 -0.39
C LYS C 106 -20.60 10.74 0.82
N GLU C 107 -20.45 9.44 0.74
CA GLU C 107 -21.03 8.47 1.69
C GLU C 107 -20.07 7.28 1.84
N ASN C 108 -20.19 6.51 2.92
CA ASN C 108 -19.53 5.20 3.08
C ASN C 108 -18.06 5.46 2.70
N TYR C 109 -17.46 6.48 3.30
CA TYR C 109 -16.13 7.00 2.86
C TYR C 109 -15.13 5.85 2.89
N PRO C 110 -14.22 5.81 1.91
CA PRO C 110 -13.09 4.86 1.98
C PRO C 110 -12.22 5.02 3.23
N ALA C 111 -11.57 3.94 3.61
CA ALA C 111 -10.39 4.07 4.46
C ALA C 111 -9.36 4.92 3.71
N ARG C 112 -8.41 5.51 4.45
CA ARG C 112 -7.47 6.43 3.80
C ARG C 112 -6.21 6.55 4.62
N SER C 113 -5.13 6.78 3.90
CA SER C 113 -3.88 7.27 4.47
C SER C 113 -3.40 8.45 3.62
N THR C 114 -2.81 9.43 4.29
CA THR C 114 -2.31 10.63 3.62
C THR C 114 -0.96 11.00 4.23
N PHE C 115 0.05 11.25 3.39
CA PHE C 115 1.31 11.71 3.91
C PHE C 115 2.05 12.51 2.86
N GLN C 116 3.05 13.24 3.30
CA GLN C 116 3.91 13.98 2.37
C GLN C 116 5.11 13.10 1.98
N VAL C 117 5.36 13.05 0.69
CA VAL C 117 6.50 12.35 0.09
C VAL C 117 7.63 13.29 -0.15
N GLY C 118 8.74 12.74 -0.63
CA GLY C 118 9.84 13.57 -1.10
C GLY C 118 9.60 14.27 -2.39
N LYS C 119 9.17 13.54 -3.38
CA LYS C 119 8.84 14.08 -4.71
C LYS C 119 7.89 13.12 -5.40
N LEU C 120 7.05 13.64 -6.28
CA LEU C 120 6.14 12.87 -7.14
CA LEU C 120 6.18 12.86 -7.14
C LEU C 120 6.66 12.92 -8.58
N PRO C 121 6.27 11.97 -9.39
CA PRO C 121 6.49 12.07 -10.85
C PRO C 121 5.91 13.37 -11.39
N MET C 122 6.56 13.90 -12.41
CA MET C 122 6.11 15.12 -13.11
CA MET C 122 6.14 15.12 -13.15
C MET C 122 6.10 16.34 -12.20
N ALA C 123 6.79 16.29 -11.09
CA ALA C 123 6.81 17.36 -10.07
C ALA C 123 5.35 17.69 -9.65
N ALA C 124 4.52 16.69 -9.61
CA ALA C 124 3.10 16.83 -9.23
C ALA C 124 2.97 17.25 -7.78
N GLN C 125 1.82 17.80 -7.43
CA GLN C 125 1.55 18.13 -6.03
C GLN C 125 0.86 16.98 -5.33
N LEU C 126 0.24 16.08 -6.05
CA LEU C 126 -0.65 15.01 -5.54
CA LEU C 126 -0.33 14.88 -5.41
C LEU C 126 -0.56 13.75 -6.40
N GLU C 127 -0.60 12.58 -5.80
CA GLU C 127 -0.90 11.34 -6.49
CA GLU C 127 -0.80 11.27 -6.46
C GLU C 127 -1.85 10.59 -5.59
N ILE C 128 -2.83 9.95 -6.18
CA ILE C 128 -3.79 9.19 -5.36
CA ILE C 128 -3.85 9.22 -5.38
C ILE C 128 -3.96 7.81 -5.93
N GLU C 129 -3.76 6.82 -5.08
CA GLU C 129 -4.02 5.42 -5.44
CA GLU C 129 -4.01 5.41 -5.42
C GLU C 129 -5.28 4.93 -4.73
N ALA C 130 -5.88 3.90 -5.26
CA ALA C 130 -7.13 3.39 -4.74
C ALA C 130 -7.28 1.92 -4.95
N ILE C 131 -8.13 1.33 -4.12
CA ILE C 131 -8.65 -0.05 -4.30
CA ILE C 131 -8.65 -0.03 -4.36
C ILE C 131 -10.16 0.04 -4.23
N ALA C 132 -10.86 -0.64 -5.12
CA ALA C 132 -12.34 -0.52 -5.22
CA ALA C 132 -12.33 -0.53 -5.20
C ALA C 132 -12.95 -1.90 -5.47
N ILE C 133 -14.28 -1.94 -5.35
CA ILE C 133 -15.09 -3.16 -5.62
CA ILE C 133 -15.10 -3.16 -5.60
C ILE C 133 -15.89 -2.96 -6.91
N THR C 134 -15.94 -4.01 -7.73
CA THR C 134 -16.84 -4.00 -8.88
C THR C 134 -18.08 -4.83 -8.57
N GLY C 135 -19.11 -4.61 -9.38
CA GLY C 135 -20.34 -5.39 -9.29
C GLY C 135 -21.17 -4.94 -8.11
N GLU C 136 -22.03 -5.82 -7.63
CA GLU C 136 -22.98 -5.39 -6.58
C GLU C 136 -22.30 -5.42 -5.20
N VAL C 137 -22.61 -4.38 -4.44
CA VAL C 137 -22.06 -4.17 -3.07
C VAL C 137 -23.20 -3.90 -2.09
N GLU C 138 -23.36 -4.77 -1.10
CA GLU C 138 -24.27 -4.62 0.06
C GLU C 138 -23.43 -4.07 1.22
N THR C 139 -23.78 -2.86 1.69
CA THR C 139 -23.17 -2.23 2.89
C THR C 139 -24.03 -2.54 4.11
N ILE C 140 -23.48 -3.31 5.06
CA ILE C 140 -24.18 -3.71 6.31
C ILE C 140 -23.65 -2.79 7.40
C1 EDO D . 27.42 -5.35 -10.72
O1 EDO D . 27.72 -6.66 -10.10
C2 EDO D . 26.57 -4.56 -9.87
O2 EDO D . 26.04 -5.39 -8.69
MG MG E . 21.84 9.01 -7.50
NA NA F . 22.72 5.29 -11.18
#